data_8IP2
#
_entry.id   8IP2
#
_cell.length_a   62.821
_cell.length_b   80.970
_cell.length_c   213.225
_cell.angle_alpha   90.000
_cell.angle_beta   90.000
_cell.angle_gamma   90.000
#
_symmetry.space_group_name_H-M   'C 2 2 21'
#
loop_
_entity.id
_entity.type
_entity.pdbx_description
1 polymer 'Glucans biosynthesis protein G'
2 branched beta-D-glucopyranose-(1-2)-beta-D-glucopyranose-(1-2)-beta-D-glucopyranose-(1-2)-beta-D-glucopyranose-(1-2)-beta-D-glucopyranose-(1-2)-beta-D-glucopyranose-(1-2)-beta-D-glucopyranose-(1-2)-beta-D-glucopyranose-(1-2)-beta-D-glucopyranose-(1-2)-beta-D-glucopyranose-(1-2)-beta-D-glucopyranose-(1-2)-beta-D-glucopyranose-(1-2)-beta-D-glucopyranose-(1-2)-beta-D-glucopyranose-(1-2)-beta-D-glucopyranose-(1-2)-beta-D-glucopyranose
3 water water
#
_entity_poly.entity_id   1
_entity_poly.type   'polypeptide(L)'
_entity_poly.pdbx_seq_one_letter_code
;MMKMRWLSAAVMLTLYTSSSWAFSIDDVAKQAQSLAGKGYETPKSNLPSVFRDMKYADYQQIQFNHDKAYWNNLKTPFKL
EFYHQGMYFDTPVKINEVTATAVKRIKYSPDYFTFGDVQHDKDTVKDLGFAGFKVLYPINSKDKNDEIVSMLGASYFRVI
GAGQVYGLSARGLAIDTALPSGEEFPRFKEFWIERPKPTDKRLTIYALLDSPRATGAYKFVVMPGRDTVVDVQSKIYLRD
KVGKLGVAPLTSMFLFGPNQPSPANNYRPELHDSNGLSIHAGNGEWIWRPLNNPKHLAVSSFSMENPQGFGLLQRGRDFS
RFEDLDDRYDLRPSAWVTPKGEWGKGSVELVEIPTNDETNNNIVAYWTPDQLPEPGKEMNFKYTITFSRDEDKLHAPDNA
WVQQTRRSTGDVKQSNLIRQPDGTIAFVVDFTGAEMKKLPEDTPVTAQTSIGDNGEIVESTVRYNPVTKGWRLVMRVKVK
DAKKTTEMRAALVNADQTLSETWSYQLPANELEHHHHHH
;
_entity_poly.pdbx_strand_id   A
#
loop_
_chem_comp.id
_chem_comp.type
_chem_comp.name
_chem_comp.formula
BGC D-saccharide, beta linking beta-D-glucopyranose 'C6 H12 O6'
#
# COMPACT_ATOMS: atom_id res chain seq x y z
N ALA A 22 6.07 0.22 -31.84
CA ALA A 22 5.14 -0.70 -32.54
C ALA A 22 3.88 -0.91 -31.71
N PHE A 23 3.90 -1.87 -30.78
CA PHE A 23 2.86 -2.00 -29.78
C PHE A 23 3.05 -0.92 -28.70
N SER A 24 1.94 -0.39 -28.16
CA SER A 24 1.97 0.68 -27.17
C SER A 24 0.69 0.66 -26.34
N ILE A 25 0.61 1.57 -25.35
CA ILE A 25 -0.62 1.76 -24.57
C ILE A 25 -1.84 2.02 -25.46
N ASP A 26 -1.68 2.72 -26.60
CA ASP A 26 -2.79 3.01 -27.51
C ASP A 26 -3.50 1.74 -27.98
N ASP A 27 -2.73 0.68 -28.29
CA ASP A 27 -3.30 -0.59 -28.67
C ASP A 27 -4.26 -1.04 -27.58
N VAL A 28 -3.84 -0.95 -26.32
CA VAL A 28 -4.69 -1.39 -25.22
C VAL A 28 -5.80 -0.36 -24.97
N ALA A 29 -5.50 0.94 -25.11
CA ALA A 29 -6.52 1.96 -24.91
C ALA A 29 -7.70 1.79 -25.90
N LYS A 30 -7.44 1.33 -27.13
CA LYS A 30 -8.53 1.17 -28.09
C LYS A 30 -9.45 0.00 -27.67
N GLN A 31 -8.88 -1.07 -27.09
CA GLN A 31 -9.72 -2.13 -26.54
C GLN A 31 -10.53 -1.58 -25.37
N ALA A 32 -9.92 -0.71 -24.57
CA ALA A 32 -10.58 -0.21 -23.37
C ALA A 32 -11.71 0.72 -23.76
N GLN A 33 -11.39 1.63 -24.68
CA GLN A 33 -12.36 2.56 -25.28
C GLN A 33 -13.56 1.76 -25.79
N SER A 34 -13.27 0.71 -26.55
CA SER A 34 -14.30 -0.11 -27.17
C SER A 34 -15.14 -0.83 -26.11
N LEU A 35 -14.53 -1.32 -24.99
CA LEU A 35 -15.28 -2.06 -23.97
C LEU A 35 -16.26 -1.13 -23.23
N ALA A 36 -15.81 0.11 -23.00
CA ALA A 36 -16.57 1.15 -22.33
C ALA A 36 -17.85 1.52 -23.08
N GLY A 37 -17.89 1.29 -24.39
CA GLY A 37 -19.01 1.59 -25.26
C GLY A 37 -20.01 0.45 -25.39
N LYS A 38 -19.81 -0.66 -24.68
CA LYS A 38 -20.68 -1.82 -24.78
C LYS A 38 -21.07 -2.26 -23.39
N GLY A 39 -22.13 -3.07 -23.29
CA GLY A 39 -22.53 -3.66 -22.03
C GLY A 39 -21.40 -4.49 -21.43
N TYR A 40 -21.24 -4.41 -20.11
CA TYR A 40 -20.25 -5.23 -19.39
C TYR A 40 -20.60 -6.71 -19.51
N GLU A 41 -19.59 -7.53 -19.84
CA GLU A 41 -19.72 -8.98 -19.82
C GLU A 41 -19.13 -9.54 -18.53
N THR A 42 -19.97 -10.21 -17.74
CA THR A 42 -19.57 -10.79 -16.47
C THR A 42 -18.67 -11.98 -16.75
N PRO A 43 -17.44 -12.05 -16.19
CA PRO A 43 -16.60 -13.24 -16.35
C PRO A 43 -17.30 -14.44 -15.72
N LYS A 44 -17.14 -15.63 -16.29
CA LYS A 44 -17.80 -16.82 -15.78
C LYS A 44 -16.75 -17.81 -15.33
N SER A 45 -16.94 -18.41 -14.15
CA SER A 45 -16.02 -19.41 -13.66
C SER A 45 -16.43 -20.78 -14.17
N ASN A 46 -15.49 -21.49 -14.81
CA ASN A 46 -15.61 -22.91 -15.07
C ASN A 46 -14.55 -23.67 -14.24
N LEU A 47 -14.15 -23.11 -13.09
CA LEU A 47 -13.16 -23.74 -12.24
C LEU A 47 -13.78 -24.91 -11.49
N PRO A 48 -13.22 -26.14 -11.57
CA PRO A 48 -13.66 -27.26 -10.73
C PRO A 48 -13.58 -27.01 -9.21
N SER A 49 -14.53 -27.63 -8.48
CA SER A 49 -14.72 -27.49 -7.04
C SER A 49 -13.43 -27.77 -6.27
N VAL A 50 -12.69 -28.80 -6.70
CA VAL A 50 -11.47 -29.22 -6.04
C VAL A 50 -10.46 -28.06 -5.97
N PHE A 51 -10.51 -27.13 -6.94
CA PHE A 51 -9.62 -25.97 -6.94
C PHE A 51 -10.24 -24.77 -6.24
N ARG A 52 -11.53 -24.51 -6.46
CA ARG A 52 -12.22 -23.35 -5.89
C ARG A 52 -12.32 -23.47 -4.37
N ASP A 53 -12.37 -24.72 -3.87
CA ASP A 53 -12.59 -25.00 -2.46
C ASP A 53 -11.28 -24.92 -1.67
N MET A 54 -10.15 -24.90 -2.37
CA MET A 54 -8.83 -24.85 -1.76
C MET A 54 -8.70 -23.64 -0.84
N LYS A 55 -8.07 -23.87 0.32
CA LYS A 55 -7.59 -22.81 1.20
C LYS A 55 -6.10 -22.60 0.91
N TYR A 56 -5.53 -21.51 1.44
CA TYR A 56 -4.17 -21.16 1.07
C TYR A 56 -3.26 -22.39 1.07
N ALA A 57 -3.31 -23.20 2.14
CA ALA A 57 -2.34 -24.28 2.33
C ALA A 57 -2.47 -25.30 1.22
N ASP A 58 -3.70 -25.50 0.75
CA ASP A 58 -4.02 -26.47 -0.29
C ASP A 58 -3.53 -25.96 -1.64
N TYR A 59 -3.70 -24.65 -1.86
CA TYR A 59 -3.30 -23.98 -3.09
C TYR A 59 -1.80 -24.16 -3.34
N GLN A 60 -1.03 -24.38 -2.26
CA GLN A 60 0.41 -24.58 -2.29
C GLN A 60 0.80 -25.89 -2.98
N GLN A 61 -0.07 -26.90 -2.89
CA GLN A 61 0.07 -28.17 -3.59
C GLN A 61 0.35 -27.96 -5.08
N ILE A 62 -0.10 -26.82 -5.64
CA ILE A 62 0.15 -26.50 -7.03
C ILE A 62 1.40 -25.63 -7.12
N GLN A 63 2.38 -26.18 -7.82
CA GLN A 63 3.64 -25.49 -7.99
C GLN A 63 3.91 -25.43 -9.49
N PHE A 64 4.63 -24.37 -9.88
CA PHE A 64 4.97 -24.13 -11.27
C PHE A 64 6.23 -24.90 -11.61
N ASN A 65 6.28 -25.41 -12.84
CA ASN A 65 7.48 -26.10 -13.30
C ASN A 65 8.47 -25.06 -13.81
N HIS A 66 9.54 -24.85 -13.04
CA HIS A 66 10.53 -23.83 -13.33
C HIS A 66 11.25 -24.12 -14.64
N ASP A 67 11.29 -25.40 -15.08
CA ASP A 67 11.85 -25.74 -16.38
C ASP A 67 11.02 -25.13 -17.52
N LYS A 68 9.72 -24.86 -17.30
CA LYS A 68 8.84 -24.30 -18.32
C LYS A 68 8.62 -22.79 -18.16
N ALA A 69 9.47 -22.09 -17.39
CA ALA A 69 9.36 -20.65 -17.21
C ALA A 69 9.65 -19.91 -18.52
N TYR A 70 8.92 -18.82 -18.78
CA TYR A 70 9.08 -18.07 -20.02
C TYR A 70 10.40 -17.31 -19.95
N TRP A 71 11.10 -17.28 -21.08
CA TRP A 71 12.40 -16.64 -21.29
C TRP A 71 13.56 -17.51 -20.78
N ASN A 72 13.29 -18.80 -20.56
CA ASN A 72 14.30 -19.76 -20.16
C ASN A 72 15.27 -20.04 -21.31
N ASN A 73 14.95 -19.58 -22.53
CA ASN A 73 15.78 -19.86 -23.70
C ASN A 73 16.53 -18.59 -24.13
N LEU A 74 16.50 -17.54 -23.29
CA LEU A 74 17.01 -16.22 -23.65
C LEU A 74 17.96 -15.76 -22.55
N LYS A 75 18.84 -14.83 -22.93
CA LYS A 75 19.89 -14.31 -22.06
C LYS A 75 19.37 -13.11 -21.27
N THR A 76 18.17 -13.21 -20.73
CA THR A 76 17.68 -12.15 -19.87
C THR A 76 17.69 -12.67 -18.44
N PRO A 77 18.05 -11.83 -17.45
CA PRO A 77 17.83 -12.19 -16.04
C PRO A 77 16.34 -12.28 -15.65
N PHE A 78 15.42 -11.74 -16.46
CA PHE A 78 13.99 -11.84 -16.17
C PHE A 78 13.48 -13.23 -16.56
N LYS A 79 12.46 -13.69 -15.82
CA LYS A 79 11.67 -14.87 -16.17
C LYS A 79 10.22 -14.57 -15.83
N LEU A 80 9.32 -15.32 -16.48
CA LEU A 80 7.87 -15.20 -16.25
C LEU A 80 7.32 -16.56 -15.87
N GLU A 81 6.60 -16.65 -14.77
CA GLU A 81 5.89 -17.84 -14.34
C GLU A 81 4.42 -17.45 -14.11
N PHE A 82 3.55 -18.46 -14.02
CA PHE A 82 2.11 -18.26 -14.06
C PHE A 82 1.47 -18.93 -12.86
N TYR A 83 0.29 -18.43 -12.47
CA TYR A 83 -0.51 -19.02 -11.41
C TYR A 83 -1.59 -19.89 -12.04
N HIS A 84 -1.89 -21.01 -11.38
CA HIS A 84 -3.08 -21.78 -11.66
C HIS A 84 -4.27 -21.15 -10.93
N GLN A 85 -5.48 -21.27 -11.51
CA GLN A 85 -6.69 -20.88 -10.81
C GLN A 85 -6.85 -21.76 -9.57
N GLY A 86 -7.48 -21.20 -8.54
CA GLY A 86 -7.71 -21.86 -7.26
C GLY A 86 -8.12 -20.81 -6.22
N MET A 87 -8.73 -21.27 -5.12
CA MET A 87 -9.34 -20.40 -4.12
C MET A 87 -10.33 -19.48 -4.83
N TYR A 88 -10.31 -18.17 -4.54
CA TYR A 88 -11.21 -17.23 -5.18
C TYR A 88 -10.58 -16.66 -6.46
N PHE A 89 -9.44 -17.20 -6.90
CA PHE A 89 -8.84 -16.83 -8.17
C PHE A 89 -9.39 -17.77 -9.26
N ASP A 90 -10.64 -17.51 -9.67
CA ASP A 90 -11.48 -18.51 -10.34
C ASP A 90 -11.99 -18.02 -11.69
N THR A 91 -11.35 -16.97 -12.23
CA THR A 91 -11.55 -16.58 -13.63
C THR A 91 -10.19 -16.45 -14.30
N PRO A 92 -10.10 -16.73 -15.62
CA PRO A 92 -8.83 -16.71 -16.34
C PRO A 92 -8.44 -15.28 -16.69
N VAL A 93 -7.15 -15.04 -16.89
CA VAL A 93 -6.69 -13.83 -17.53
C VAL A 93 -5.90 -14.30 -18.75
N LYS A 94 -5.94 -13.48 -19.81
CA LYS A 94 -5.18 -13.78 -21.00
C LYS A 94 -3.85 -13.05 -20.87
N ILE A 95 -2.79 -13.76 -21.29
CA ILE A 95 -1.44 -13.25 -21.24
C ILE A 95 -0.83 -13.35 -22.63
N ASN A 96 -0.22 -12.23 -23.04
CA ASN A 96 0.45 -12.12 -24.34
C ASN A 96 1.89 -11.73 -24.15
N GLU A 97 2.78 -12.30 -24.98
CA GLU A 97 4.10 -11.78 -25.16
C GLU A 97 4.11 -10.85 -26.37
N VAL A 98 4.77 -9.71 -26.18
CA VAL A 98 5.11 -8.80 -27.25
C VAL A 98 6.59 -8.93 -27.56
N THR A 99 6.89 -9.08 -28.86
CA THR A 99 8.24 -9.06 -29.42
C THR A 99 8.32 -7.87 -30.37
N ALA A 100 9.47 -7.69 -31.00
CA ALA A 100 9.67 -6.66 -32.01
C ALA A 100 8.65 -6.81 -33.14
N THR A 101 8.27 -8.07 -33.44
CA THR A 101 7.51 -8.40 -34.64
C THR A 101 6.11 -8.95 -34.37
N ALA A 102 5.75 -9.30 -33.12
CA ALA A 102 4.52 -10.07 -32.89
C ALA A 102 3.96 -9.88 -31.48
N VAL A 103 2.61 -9.96 -31.41
CA VAL A 103 1.86 -10.20 -30.20
C VAL A 103 1.39 -11.65 -30.22
N LYS A 104 1.91 -12.48 -29.31
CA LYS A 104 1.60 -13.89 -29.27
C LYS A 104 0.92 -14.25 -27.95
N ARG A 105 -0.31 -14.78 -28.04
CA ARG A 105 -1.00 -15.35 -26.90
C ARG A 105 -0.10 -16.41 -26.28
N ILE A 106 0.09 -16.36 -24.96
CA ILE A 106 0.73 -17.44 -24.25
C ILE A 106 -0.33 -18.50 -23.96
N LYS A 107 -0.23 -19.63 -24.66
CA LYS A 107 -1.22 -20.69 -24.60
C LYS A 107 -1.22 -21.31 -23.21
N TYR A 108 -2.40 -21.57 -22.64
CA TYR A 108 -2.51 -22.24 -21.35
C TYR A 108 -2.17 -23.71 -21.52
N SER A 109 -1.65 -24.33 -20.46
CA SER A 109 -1.49 -25.77 -20.37
C SER A 109 -1.39 -26.15 -18.90
N PRO A 110 -1.98 -27.30 -18.49
CA PRO A 110 -1.68 -27.90 -17.19
C PRO A 110 -0.22 -28.32 -17.00
N ASP A 111 0.52 -28.53 -18.09
CA ASP A 111 1.88 -29.02 -17.99
C ASP A 111 2.83 -27.91 -17.53
N TYR A 112 2.29 -26.72 -17.18
CA TYR A 112 3.09 -25.72 -16.51
C TYR A 112 3.20 -26.00 -15.01
N PHE A 113 2.36 -26.92 -14.49
CA PHE A 113 2.22 -27.13 -13.05
C PHE A 113 2.38 -28.60 -12.69
N THR A 114 2.83 -28.88 -11.44
CA THR A 114 2.64 -30.16 -10.76
C THR A 114 1.60 -29.95 -9.66
N PHE A 115 0.86 -31.02 -9.30
CA PHE A 115 -0.33 -30.90 -8.46
C PHE A 115 -0.23 -31.68 -7.15
N GLY A 116 0.81 -32.52 -6.98
CA GLY A 116 0.91 -33.51 -5.91
C GLY A 116 -0.17 -33.41 -4.85
N ASP A 127 -9.20 -26.33 -20.69
CA ASP A 127 -8.45 -25.10 -21.07
C ASP A 127 -8.79 -23.97 -20.07
N LEU A 128 -8.44 -24.20 -18.79
CA LEU A 128 -8.79 -23.30 -17.71
C LEU A 128 -8.28 -21.87 -17.93
N GLY A 129 -7.03 -21.69 -18.36
CA GLY A 129 -6.43 -20.35 -18.40
C GLY A 129 -5.69 -19.98 -17.11
N PHE A 130 -4.64 -19.16 -17.25
CA PHE A 130 -3.83 -18.72 -16.11
C PHE A 130 -4.67 -17.80 -15.22
N ALA A 131 -4.39 -17.82 -13.91
CA ALA A 131 -5.00 -16.96 -12.91
C ALA A 131 -4.32 -15.58 -12.87
N GLY A 132 -3.04 -15.55 -13.23
CA GLY A 132 -2.19 -14.37 -13.12
C GLY A 132 -0.76 -14.80 -13.40
N PHE A 133 0.21 -13.91 -13.18
CA PHE A 133 1.60 -14.23 -13.43
C PHE A 133 2.54 -13.59 -12.40
N LYS A 134 3.78 -14.10 -12.38
CA LYS A 134 4.84 -13.47 -11.62
C LYS A 134 6.08 -13.31 -12.48
N VAL A 135 6.90 -12.33 -12.06
CA VAL A 135 8.18 -12.01 -12.66
C VAL A 135 9.28 -12.39 -11.68
N LEU A 136 10.36 -13.01 -12.19
CA LEU A 136 11.54 -13.38 -11.43
C LEU A 136 12.72 -12.56 -11.95
N TYR A 137 13.70 -12.35 -11.07
CA TYR A 137 14.88 -11.54 -11.35
C TYR A 137 15.89 -11.83 -10.25
N PRO A 138 17.21 -11.81 -10.54
CA PRO A 138 18.25 -12.04 -9.51
C PRO A 138 18.46 -10.76 -8.70
N ILE A 139 17.44 -10.33 -7.94
CA ILE A 139 17.50 -9.07 -7.26
C ILE A 139 18.30 -9.20 -5.96
N ASN A 140 18.31 -10.39 -5.36
CA ASN A 140 19.04 -10.61 -4.13
C ASN A 140 20.39 -11.29 -4.40
N SER A 141 20.38 -12.45 -5.07
CA SER A 141 21.62 -13.21 -5.29
C SER A 141 21.76 -13.56 -6.76
N LYS A 142 23.00 -13.49 -7.29
CA LYS A 142 23.26 -13.55 -8.72
C LYS A 142 22.76 -14.84 -9.41
N ASP A 143 22.71 -15.96 -8.68
CA ASP A 143 22.27 -17.18 -9.34
C ASP A 143 20.97 -17.69 -8.77
N LYS A 144 20.13 -16.77 -8.27
CA LYS A 144 18.85 -17.15 -7.74
C LYS A 144 17.79 -16.25 -8.39
N ASN A 145 16.78 -16.88 -8.99
CA ASN A 145 15.72 -16.13 -9.63
C ASN A 145 14.64 -15.91 -8.56
N ASP A 146 14.61 -14.70 -8.03
CA ASP A 146 13.66 -14.35 -6.97
C ASP A 146 12.50 -13.56 -7.56
N GLU A 147 11.35 -13.67 -6.88
CA GLU A 147 10.17 -12.92 -7.31
C GLU A 147 10.36 -11.42 -7.06
N ILE A 148 9.89 -10.61 -8.02
CA ILE A 148 9.88 -9.16 -7.88
C ILE A 148 8.45 -8.60 -8.04
N VAL A 149 7.59 -9.27 -8.83
CA VAL A 149 6.25 -8.81 -9.13
C VAL A 149 5.30 -10.01 -9.12
N SER A 150 4.12 -9.83 -8.55
CA SER A 150 3.01 -10.77 -8.62
C SER A 150 1.75 -10.02 -9.05
N MET A 151 1.17 -10.39 -10.17
CA MET A 151 -0.12 -9.86 -10.56
C MET A 151 -1.15 -10.98 -10.43
N LEU A 152 -2.10 -10.84 -9.48
CA LEU A 152 -2.98 -11.96 -9.14
C LEU A 152 -4.13 -11.43 -8.31
N GLY A 153 -5.38 -11.67 -8.77
CA GLY A 153 -6.59 -11.20 -8.09
C GLY A 153 -6.99 -9.82 -8.59
N ALA A 154 -8.13 -9.75 -9.31
CA ALA A 154 -8.78 -8.48 -9.58
C ALA A 154 -7.76 -7.61 -10.29
N SER A 155 -7.52 -6.37 -9.84
CA SER A 155 -6.44 -5.55 -10.42
C SER A 155 -5.25 -5.37 -9.47
N TYR A 156 -5.03 -6.35 -8.54
CA TYR A 156 -4.02 -6.25 -7.50
C TYR A 156 -2.66 -6.73 -8.02
N PHE A 157 -1.58 -6.12 -7.52
CA PHE A 157 -0.24 -6.62 -7.75
C PHE A 157 0.56 -6.38 -6.47
N ARG A 158 1.60 -7.19 -6.29
CA ARG A 158 2.53 -7.01 -5.15
C ARG A 158 3.94 -6.90 -5.78
N VAL A 159 4.78 -6.04 -5.23
CA VAL A 159 6.08 -5.74 -5.78
C VAL A 159 7.08 -5.72 -4.60
N ILE A 160 8.32 -6.17 -4.81
CA ILE A 160 9.36 -6.07 -3.79
C ILE A 160 10.70 -5.76 -4.47
N GLY A 161 11.54 -5.00 -3.73
CA GLY A 161 12.96 -4.85 -4.01
C GLY A 161 13.84 -5.78 -3.17
N ALA A 162 15.13 -5.43 -3.13
CA ALA A 162 16.14 -6.35 -2.63
C ALA A 162 16.01 -6.42 -1.13
N GLY A 163 16.02 -7.67 -0.63
CA GLY A 163 16.01 -7.99 0.78
C GLY A 163 14.59 -7.88 1.38
N GLN A 164 13.58 -7.63 0.53
CA GLN A 164 12.20 -7.41 0.98
C GLN A 164 11.46 -8.74 0.90
N VAL A 165 10.35 -8.81 1.62
CA VAL A 165 9.44 -9.93 1.61
C VAL A 165 8.10 -9.31 1.24
N TYR A 166 7.27 -10.04 0.49
CA TYR A 166 6.01 -9.49 0.02
C TYR A 166 5.22 -8.96 1.21
N GLY A 167 4.66 -7.75 1.05
CA GLY A 167 3.74 -7.17 2.02
C GLY A 167 2.56 -6.55 1.30
N LEU A 168 2.47 -5.21 1.37
CA LEU A 168 1.27 -4.53 0.91
C LEU A 168 1.17 -4.69 -0.61
N SER A 169 0.00 -4.36 -1.08
CA SER A 169 -0.40 -4.55 -2.46
C SER A 169 -0.68 -3.19 -3.07
N ALA A 170 -0.69 -3.16 -4.41
CA ALA A 170 -1.30 -2.03 -5.12
C ALA A 170 -2.43 -2.57 -5.99
N ARG A 171 -3.34 -1.69 -6.46
CA ARG A 171 -4.33 -2.04 -7.48
C ARG A 171 -4.20 -1.11 -8.68
N GLY A 172 -4.84 -1.48 -9.81
CA GLY A 172 -5.02 -0.57 -10.93
C GLY A 172 -6.04 0.53 -10.59
N LEU A 173 -7.10 0.12 -9.91
CA LEU A 173 -8.19 1.06 -9.62
C LEU A 173 -9.08 0.55 -8.50
N ALA A 174 -9.75 1.50 -7.78
CA ALA A 174 -10.77 1.17 -6.82
C ALA A 174 -12.03 1.96 -7.14
N ILE A 175 -13.18 1.30 -6.95
CA ILE A 175 -14.49 1.90 -7.19
C ILE A 175 -15.38 1.63 -5.98
N ASP A 176 -15.93 2.72 -5.39
CA ASP A 176 -16.92 2.67 -4.32
C ASP A 176 -16.36 1.98 -3.07
N THR A 177 -15.05 2.11 -2.83
CA THR A 177 -14.43 1.55 -1.62
C THR A 177 -15.09 2.20 -0.41
N ALA A 178 -15.57 1.37 0.53
CA ALA A 178 -16.10 1.77 1.82
C ALA A 178 -17.51 2.36 1.71
N LEU A 179 -18.11 2.35 0.52
CA LEU A 179 -19.47 2.84 0.38
C LEU A 179 -20.43 1.72 0.79
N PRO A 180 -21.45 2.05 1.61
CA PRO A 180 -22.45 1.05 2.01
C PRO A 180 -23.11 0.30 0.85
N SER A 181 -23.27 0.95 -0.32
CA SER A 181 -23.76 0.32 -1.54
C SER A 181 -22.94 -0.92 -1.95
N GLY A 182 -21.66 -0.98 -1.58
CA GLY A 182 -20.83 -2.13 -1.93
C GLY A 182 -19.72 -1.74 -2.89
N GLU A 183 -18.48 -2.10 -2.56
CA GLU A 183 -17.34 -1.78 -3.40
C GLU A 183 -17.40 -2.60 -4.68
N GLU A 184 -16.91 -2.03 -5.80
CA GLU A 184 -16.85 -2.72 -7.07
C GLU A 184 -15.36 -2.94 -7.36
N PHE A 185 -15.01 -4.18 -7.70
CA PHE A 185 -13.60 -4.56 -7.88
C PHE A 185 -13.30 -4.81 -9.35
N PRO A 186 -12.56 -3.90 -10.02
CA PRO A 186 -12.09 -4.15 -11.37
C PRO A 186 -11.17 -5.37 -11.41
N ARG A 187 -11.01 -5.95 -12.59
CA ARG A 187 -9.95 -6.93 -12.80
C ARG A 187 -9.10 -6.55 -14.00
N PHE A 188 -7.83 -6.98 -13.92
CA PHE A 188 -6.95 -6.97 -15.07
C PHE A 188 -7.27 -8.25 -15.81
N LYS A 189 -7.91 -8.14 -17.00
CA LYS A 189 -8.38 -9.34 -17.66
C LYS A 189 -7.39 -9.79 -18.72
N GLU A 190 -6.45 -8.93 -19.12
CA GLU A 190 -5.53 -9.33 -20.14
C GLU A 190 -4.23 -8.59 -19.94
N PHE A 191 -3.10 -9.25 -20.28
CA PHE A 191 -1.80 -8.66 -20.05
C PHE A 191 -0.99 -8.82 -21.33
N TRP A 192 -0.10 -7.84 -21.61
CA TRP A 192 0.91 -8.01 -22.64
C TRP A 192 2.29 -7.72 -22.04
N ILE A 193 3.24 -8.65 -22.20
CA ILE A 193 4.52 -8.49 -21.54
C ILE A 193 5.57 -8.51 -22.64
N GLU A 194 6.29 -7.39 -22.79
CA GLU A 194 7.32 -7.22 -23.77
C GLU A 194 8.48 -8.14 -23.42
N ARG A 195 8.93 -8.91 -24.42
CA ARG A 195 10.14 -9.71 -24.25
C ARG A 195 11.33 -8.77 -24.10
N PRO A 196 12.14 -8.89 -23.03
CA PRO A 196 13.25 -7.97 -22.85
C PRO A 196 14.47 -8.32 -23.71
N LYS A 197 15.25 -7.30 -24.06
CA LYS A 197 16.57 -7.48 -24.66
C LYS A 197 17.53 -7.96 -23.59
N PRO A 198 18.62 -8.71 -23.94
CA PRO A 198 19.52 -9.26 -22.92
C PRO A 198 20.08 -8.27 -21.91
N THR A 199 20.20 -6.99 -22.28
CA THR A 199 20.84 -6.01 -21.41
C THR A 199 19.79 -5.18 -20.65
N ASP A 200 18.51 -5.34 -20.96
CA ASP A 200 17.44 -4.58 -20.31
C ASP A 200 17.46 -4.78 -18.80
N LYS A 201 17.31 -3.69 -18.03
CA LYS A 201 17.18 -3.78 -16.58
C LYS A 201 15.76 -3.46 -16.13
N ARG A 202 14.86 -3.16 -17.07
CA ARG A 202 13.46 -2.90 -16.78
C ARG A 202 12.59 -3.90 -17.55
N LEU A 203 11.33 -4.05 -17.12
CA LEU A 203 10.37 -4.89 -17.81
C LEU A 203 9.10 -4.10 -18.05
N THR A 204 8.57 -4.16 -19.28
CA THR A 204 7.37 -3.42 -19.65
C THR A 204 6.18 -4.38 -19.70
N ILE A 205 5.09 -3.99 -19.03
CA ILE A 205 3.88 -4.81 -18.94
C ILE A 205 2.69 -3.90 -19.24
N TYR A 206 1.75 -4.31 -20.11
CA TYR A 206 0.50 -3.60 -20.32
C TYR A 206 -0.63 -4.48 -19.79
N ALA A 207 -1.68 -3.81 -19.30
CA ALA A 207 -2.84 -4.49 -18.78
C ALA A 207 -4.11 -3.76 -19.23
N LEU A 208 -5.12 -4.58 -19.47
CA LEU A 208 -6.47 -4.16 -19.79
C LEU A 208 -7.35 -4.43 -18.59
N LEU A 209 -8.05 -3.37 -18.13
CA LEU A 209 -8.91 -3.38 -16.96
C LEU A 209 -10.36 -3.32 -17.42
N ASP A 210 -11.17 -4.20 -16.83
CA ASP A 210 -12.61 -4.20 -17.08
C ASP A 210 -13.32 -4.36 -15.74
N SER A 211 -14.44 -3.63 -15.61
CA SER A 211 -15.22 -3.60 -14.38
C SER A 211 -16.63 -3.17 -14.78
N PRO A 212 -17.71 -3.64 -14.11
CA PRO A 212 -19.06 -3.20 -14.46
C PRO A 212 -19.10 -1.77 -15.01
N ARG A 213 -18.50 -0.82 -14.32
CA ARG A 213 -18.67 0.59 -14.75
C ARG A 213 -17.38 1.26 -15.17
N ALA A 214 -16.36 0.49 -15.55
CA ALA A 214 -15.17 1.20 -15.99
C ALA A 214 -14.22 0.23 -16.67
N THR A 215 -13.38 0.78 -17.54
CA THR A 215 -12.35 0.01 -18.25
C THR A 215 -11.06 0.81 -18.17
N GLY A 216 -9.91 0.23 -18.53
CA GLY A 216 -8.76 1.10 -18.60
C GLY A 216 -7.62 0.39 -19.28
N ALA A 217 -6.58 1.16 -19.62
CA ALA A 217 -5.35 0.63 -20.22
C ALA A 217 -4.16 1.10 -19.38
N TYR A 218 -3.22 0.18 -19.07
CA TYR A 218 -2.17 0.39 -18.08
C TYR A 218 -0.86 -0.03 -18.74
N LYS A 219 0.14 0.87 -18.68
CA LYS A 219 1.54 0.52 -18.96
C LYS A 219 2.33 0.62 -17.65
N PHE A 220 2.95 -0.49 -17.25
CA PHE A 220 3.83 -0.59 -16.09
C PHE A 220 5.26 -0.80 -16.58
N VAL A 221 6.22 0.07 -16.19
CA VAL A 221 7.63 -0.24 -16.36
C VAL A 221 8.25 -0.51 -14.98
N VAL A 222 8.69 -1.77 -14.81
CA VAL A 222 9.22 -2.27 -13.55
C VAL A 222 10.74 -2.21 -13.58
N MET A 223 11.33 -1.55 -12.56
CA MET A 223 12.78 -1.43 -12.41
C MET A 223 13.17 -2.04 -11.07
N PRO A 224 13.59 -3.32 -11.04
CA PRO A 224 14.08 -3.97 -9.83
C PRO A 224 15.34 -3.28 -9.34
N GLY A 225 15.50 -3.21 -8.01
CA GLY A 225 16.66 -2.59 -7.37
C GLY A 225 16.61 -2.75 -5.86
N ARG A 226 17.47 -2.02 -5.15
CA ARG A 226 17.37 -1.90 -3.70
C ARG A 226 15.90 -1.57 -3.38
N ASP A 227 15.40 -0.50 -4.03
CA ASP A 227 13.98 -0.32 -4.23
C ASP A 227 13.57 -0.92 -5.57
N THR A 228 12.35 -1.48 -5.64
CA THR A 228 11.74 -1.72 -6.94
C THR A 228 10.79 -0.57 -7.23
N VAL A 229 10.95 0.00 -8.44
CA VAL A 229 10.18 1.17 -8.85
C VAL A 229 9.29 0.77 -10.02
N VAL A 230 8.03 1.20 -9.95
CA VAL A 230 7.07 0.89 -10.99
C VAL A 230 6.57 2.20 -11.59
N ASP A 231 6.83 2.38 -12.90
CA ASP A 231 6.33 3.55 -13.59
C ASP A 231 4.99 3.18 -14.23
N VAL A 232 3.95 3.99 -13.95
CA VAL A 232 2.60 3.66 -14.34
C VAL A 232 2.04 4.78 -15.22
N GLN A 233 1.51 4.40 -16.37
CA GLN A 233 0.61 5.25 -17.13
C GLN A 233 -0.76 4.57 -17.24
N SER A 234 -1.82 5.35 -16.94
CA SER A 234 -3.17 4.80 -17.08
C SER A 234 -4.06 5.70 -17.93
N LYS A 235 -4.99 5.04 -18.63
CA LYS A 235 -6.08 5.66 -19.36
C LYS A 235 -7.37 4.95 -18.95
N ILE A 236 -8.28 5.71 -18.31
CA ILE A 236 -9.46 5.17 -17.68
C ILE A 236 -10.70 5.74 -18.36
N TYR A 237 -11.72 4.88 -18.49
CA TYR A 237 -13.00 5.26 -19.08
C TYR A 237 -14.14 4.71 -18.21
N LEU A 238 -15.07 5.55 -17.72
CA LEU A 238 -16.26 5.01 -17.07
C LEU A 238 -17.26 4.52 -18.11
N ARG A 239 -17.88 3.36 -17.86
CA ARG A 239 -19.01 2.88 -18.64
C ARG A 239 -20.31 3.46 -18.06
N ASP A 240 -20.27 3.88 -16.80
CA ASP A 240 -21.39 4.53 -16.12
C ASP A 240 -20.84 5.27 -14.92
N LYS A 241 -21.66 6.17 -14.37
CA LYS A 241 -21.25 7.00 -13.25
C LYS A 241 -21.02 6.13 -12.03
N VAL A 242 -20.09 6.58 -11.16
CA VAL A 242 -19.76 5.83 -9.96
C VAL A 242 -19.80 6.79 -8.78
N GLY A 243 -20.00 6.23 -7.57
CA GLY A 243 -19.91 7.00 -6.35
C GLY A 243 -18.51 7.54 -6.08
N LYS A 244 -17.47 6.73 -6.32
CA LYS A 244 -16.15 7.15 -5.89
C LYS A 244 -15.13 6.43 -6.73
N LEU A 245 -14.14 7.17 -7.22
CA LEU A 245 -13.03 6.50 -7.89
C LEU A 245 -11.80 6.64 -7.02
N GLY A 246 -10.99 5.59 -7.03
CA GLY A 246 -9.78 5.57 -6.26
C GLY A 246 -8.63 5.24 -7.19
N VAL A 247 -7.79 6.28 -7.37
CA VAL A 247 -6.65 6.25 -8.26
C VAL A 247 -5.40 5.87 -7.47
N ALA A 248 -4.52 5.11 -8.11
CA ALA A 248 -3.26 4.62 -7.56
C ALA A 248 -3.46 4.02 -6.17
N PRO A 249 -4.46 3.14 -6.01
CA PRO A 249 -4.69 2.52 -4.70
C PRO A 249 -3.56 1.66 -4.18
N LEU A 250 -3.35 1.77 -2.86
CA LEU A 250 -2.56 0.85 -2.05
C LEU A 250 -3.45 0.09 -1.07
N THR A 251 -3.11 -1.16 -0.77
CA THR A 251 -3.88 -2.00 0.14
C THR A 251 -2.94 -2.76 1.05
N SER A 252 -3.21 -2.65 2.35
CA SER A 252 -2.30 -3.18 3.35
C SER A 252 -3.08 -3.74 4.54
N MET A 253 -2.44 -3.77 5.72
CA MET A 253 -2.99 -4.50 6.85
C MET A 253 -2.28 -4.00 8.10
N PHE A 254 -3.09 -3.72 9.12
CA PHE A 254 -2.62 -3.37 10.44
C PHE A 254 -3.46 -4.11 11.46
N LEU A 255 -2.82 -5.00 12.22
CA LEU A 255 -3.52 -5.79 13.23
C LEU A 255 -3.30 -5.15 14.59
N PHE A 256 -2.04 -5.01 15.02
CA PHE A 256 -1.77 -4.28 16.26
C PHE A 256 -0.36 -3.70 16.20
N GLY A 257 -0.15 -2.75 17.10
CA GLY A 257 1.12 -2.04 17.24
C GLY A 257 1.18 -1.30 18.56
N PRO A 258 2.24 -0.52 18.81
CA PRO A 258 2.44 0.08 20.13
C PRO A 258 1.44 1.19 20.40
N ASN A 259 0.79 1.70 19.34
CA ASN A 259 -0.25 2.70 19.53
C ASN A 259 -1.56 2.04 19.87
N GLN A 260 -1.66 0.72 19.63
CA GLN A 260 -2.88 -0.06 19.84
C GLN A 260 -2.40 -1.50 20.03
N PRO A 261 -1.94 -1.81 21.25
CA PRO A 261 -1.23 -3.06 21.49
C PRO A 261 -2.21 -4.24 21.42
N SER A 262 -1.66 -5.41 21.09
CA SER A 262 -2.40 -6.65 20.99
C SER A 262 -3.29 -6.79 22.22
N PRO A 263 -4.63 -6.92 22.06
CA PRO A 263 -5.52 -7.11 23.21
C PRO A 263 -5.21 -8.37 24.02
N ALA A 264 -4.62 -9.39 23.37
CA ALA A 264 -4.16 -10.61 24.02
C ALA A 264 -2.65 -10.71 23.95
N ASN A 265 -2.04 -11.43 24.90
CA ASN A 265 -0.61 -11.67 24.89
C ASN A 265 -0.20 -12.27 23.54
N ASN A 266 0.81 -11.66 22.94
CA ASN A 266 1.42 -12.18 21.73
C ASN A 266 2.93 -11.96 21.83
N TYR A 267 3.74 -12.92 21.38
CA TYR A 267 5.18 -12.72 21.43
C TYR A 267 5.64 -11.60 20.48
N ARG A 268 4.77 -11.26 19.52
CA ARG A 268 5.04 -10.22 18.55
C ARG A 268 4.61 -8.90 19.15
N PRO A 269 5.52 -7.90 19.31
CA PRO A 269 5.10 -6.58 19.78
C PRO A 269 4.21 -5.88 18.76
N GLU A 270 4.42 -6.20 17.50
CA GLU A 270 3.63 -5.59 16.44
C GLU A 270 3.34 -6.60 15.33
N LEU A 271 2.25 -6.32 14.61
CA LEU A 271 1.85 -7.11 13.45
C LEU A 271 1.05 -6.24 12.46
N HIS A 272 1.66 -5.99 11.30
CA HIS A 272 1.14 -5.09 10.27
C HIS A 272 2.05 -5.13 9.05
N ASP A 273 1.50 -4.93 7.85
CA ASP A 273 2.27 -4.74 6.62
C ASP A 273 2.65 -3.27 6.48
N SER A 274 1.90 -2.36 7.14
CA SER A 274 2.16 -0.92 7.14
C SER A 274 1.77 -0.38 8.53
N ASN A 275 2.30 0.79 8.92
CA ASN A 275 1.92 1.40 10.18
C ASN A 275 1.53 2.87 10.03
N GLY A 276 1.56 3.44 8.82
CA GLY A 276 1.06 4.80 8.65
C GLY A 276 0.82 5.18 7.19
N LEU A 277 -0.05 6.18 7.03
CA LEU A 277 -0.19 6.88 5.78
C LEU A 277 0.63 8.16 5.84
N SER A 278 1.68 8.27 5.02
CA SER A 278 2.41 9.51 4.79
C SER A 278 1.80 10.25 3.60
N ILE A 279 1.49 11.55 3.77
CA ILE A 279 1.07 12.43 2.69
C ILE A 279 2.05 13.60 2.56
N HIS A 280 2.50 13.88 1.33
CA HIS A 280 3.11 15.15 0.98
C HIS A 280 2.07 16.00 0.24
N ALA A 281 1.48 16.95 0.98
CA ALA A 281 0.29 17.66 0.56
C ALA A 281 0.59 18.53 -0.65
N GLY A 282 -0.49 18.89 -1.34
CA GLY A 282 -0.46 19.93 -2.36
C GLY A 282 0.38 21.11 -1.89
N ASN A 283 0.08 21.59 -0.67
CA ASN A 283 0.66 22.81 -0.13
C ASN A 283 2.04 22.60 0.49
N GLY A 284 2.55 21.36 0.52
CA GLY A 284 3.94 21.13 0.92
C GLY A 284 4.08 20.58 2.34
N GLU A 285 3.00 20.62 3.12
CA GLU A 285 2.96 20.01 4.43
C GLU A 285 3.17 18.50 4.29
N TRP A 286 3.94 17.93 5.24
CA TRP A 286 3.97 16.50 5.43
C TRP A 286 2.98 16.13 6.53
N ILE A 287 2.15 15.12 6.26
CA ILE A 287 1.19 14.60 7.21
C ILE A 287 1.48 13.12 7.41
N TRP A 288 1.42 12.66 8.68
CA TRP A 288 1.61 11.27 9.04
C TRP A 288 0.43 10.82 9.89
N ARG A 289 -0.35 9.89 9.35
CA ARG A 289 -1.49 9.33 10.02
C ARG A 289 -1.15 7.89 10.43
N PRO A 290 -0.81 7.63 11.71
CA PRO A 290 -0.61 6.25 12.14
C PRO A 290 -1.91 5.46 12.00
N LEU A 291 -1.76 4.21 11.60
CA LEU A 291 -2.90 3.32 11.36
C LEU A 291 -3.46 2.75 12.67
N ASN A 292 -4.75 2.43 12.59
CA ASN A 292 -5.50 1.74 13.63
C ASN A 292 -6.11 0.47 13.03
N ASN A 293 -6.39 -0.49 13.91
CA ASN A 293 -7.35 -1.56 13.64
C ASN A 293 -8.61 -1.18 14.44
N PRO A 294 -9.56 -0.42 13.87
CA PRO A 294 -10.67 0.15 14.66
C PRO A 294 -11.81 -0.83 14.92
N LYS A 295 -12.72 -0.47 15.84
CA LYS A 295 -13.87 -1.33 16.09
C LYS A 295 -14.92 -1.15 15.00
N HIS A 296 -14.92 0.04 14.36
CA HIS A 296 -15.84 0.38 13.30
C HIS A 296 -15.09 1.02 12.13
N LEU A 297 -15.57 0.73 10.91
CA LEU A 297 -15.06 1.29 9.68
C LEU A 297 -14.79 2.78 9.86
N ALA A 298 -13.59 3.18 9.47
CA ALA A 298 -13.15 4.56 9.53
C ALA A 298 -12.53 4.93 8.19
N VAL A 299 -13.15 5.96 7.61
CA VAL A 299 -12.70 6.58 6.38
C VAL A 299 -12.19 7.98 6.75
N SER A 300 -10.95 8.30 6.36
CA SER A 300 -10.40 9.64 6.61
C SER A 300 -9.91 10.26 5.31
N SER A 301 -10.41 11.47 5.05
CA SER A 301 -10.15 12.21 3.80
C SER A 301 -9.21 13.37 4.07
N PHE A 302 -8.08 13.43 3.35
CA PHE A 302 -7.20 14.58 3.35
C PHE A 302 -7.42 15.34 2.04
N SER A 303 -8.32 16.33 2.12
CA SER A 303 -8.76 17.10 0.98
C SER A 303 -7.64 18.06 0.55
N MET A 304 -7.22 18.02 -0.72
CA MET A 304 -6.21 18.94 -1.22
C MET A 304 -6.32 19.06 -2.74
N GLU A 305 -5.41 19.88 -3.30
CA GLU A 305 -5.27 20.12 -4.72
C GLU A 305 -3.82 19.85 -5.11
N ASN A 306 -3.59 19.05 -6.18
CA ASN A 306 -2.26 18.75 -6.70
C ASN A 306 -1.39 18.04 -5.65
N PRO A 307 -1.79 16.82 -5.19
CA PRO A 307 -0.99 16.08 -4.21
C PRO A 307 0.43 15.82 -4.73
N GLN A 308 1.43 15.96 -3.85
CA GLN A 308 2.81 15.77 -4.23
C GLN A 308 3.22 14.30 -4.03
N GLY A 309 2.57 13.61 -3.09
CA GLY A 309 2.79 12.17 -2.94
C GLY A 309 2.01 11.59 -1.76
N PHE A 310 1.90 10.27 -1.73
CA PHE A 310 1.31 9.57 -0.61
C PHE A 310 1.81 8.13 -0.63
N GLY A 311 1.87 7.51 0.55
CA GLY A 311 2.35 6.14 0.68
C GLY A 311 1.91 5.50 1.98
N LEU A 312 1.67 4.18 1.93
CA LEU A 312 1.52 3.37 3.12
C LEU A 312 2.91 2.90 3.47
N LEU A 313 3.41 3.36 4.62
CA LEU A 313 4.76 3.14 5.08
C LEU A 313 4.83 2.14 6.24
N GLN A 314 5.94 1.38 6.23
CA GLN A 314 6.30 0.50 7.34
C GLN A 314 7.50 1.17 8.02
N ARG A 315 7.23 2.13 8.92
CA ARG A 315 8.35 2.77 9.62
C ARG A 315 8.74 2.02 10.90
N GLY A 316 10.02 1.58 10.93
CA GLY A 316 10.65 0.92 12.05
C GLY A 316 10.85 -0.56 11.78
N ARG A 317 12.09 -0.96 11.55
CA ARG A 317 12.38 -2.27 11.01
C ARG A 317 13.29 -3.11 11.89
N ASP A 318 13.56 -2.69 13.13
CA ASP A 318 14.25 -3.56 14.07
C ASP A 318 13.42 -4.85 14.23
N PHE A 319 14.07 -5.99 14.14
CA PHE A 319 13.37 -7.26 14.22
C PHE A 319 12.63 -7.41 15.55
N SER A 320 13.20 -6.79 16.59
CA SER A 320 12.65 -6.73 17.94
C SER A 320 11.22 -6.17 18.00
N ARG A 321 10.79 -5.45 16.95
CA ARG A 321 9.44 -4.89 16.94
C ARG A 321 8.43 -5.95 16.51
N PHE A 322 8.91 -7.05 15.91
CA PHE A 322 8.03 -7.99 15.25
C PHE A 322 8.24 -9.41 15.77
N GLU A 323 9.49 -9.89 15.78
CA GLU A 323 9.85 -11.20 16.32
C GLU A 323 9.25 -12.38 15.54
N ASP A 324 8.68 -12.09 14.37
CA ASP A 324 8.05 -13.12 13.55
C ASP A 324 9.02 -13.67 12.51
N LEU A 325 9.53 -14.88 12.75
CA LEU A 325 10.49 -15.48 11.83
C LEU A 325 9.85 -16.04 10.56
N ASP A 326 8.51 -16.24 10.56
CA ASP A 326 7.83 -16.84 9.42
C ASP A 326 7.58 -15.78 8.36
N ASP A 327 6.95 -14.66 8.75
CA ASP A 327 6.49 -13.66 7.77
C ASP A 327 7.35 -12.39 7.71
N ARG A 328 8.27 -12.21 8.66
CA ARG A 328 9.23 -11.11 8.53
C ARG A 328 8.56 -9.81 8.16
N TYR A 329 7.65 -9.34 9.01
CA TYR A 329 7.01 -8.04 8.75
C TYR A 329 8.08 -6.93 8.68
N ASP A 330 9.19 -7.11 9.40
CA ASP A 330 10.29 -6.13 9.39
C ASP A 330 10.89 -5.94 8.00
N LEU A 331 10.70 -6.93 7.11
CA LEU A 331 11.33 -6.94 5.79
C LEU A 331 10.32 -6.51 4.72
N ARG A 332 9.10 -6.12 5.13
CA ARG A 332 8.04 -5.87 4.15
C ARG A 332 8.13 -4.43 3.68
N PRO A 333 7.83 -4.13 2.41
CA PRO A 333 8.07 -2.76 1.92
C PRO A 333 7.02 -1.71 2.39
N SER A 334 7.52 -0.46 2.36
CA SER A 334 6.72 0.73 2.16
C SER A 334 6.42 0.85 0.66
N ALA A 335 5.30 1.48 0.33
CA ALA A 335 5.00 1.90 -1.05
C ALA A 335 4.68 3.37 -1.05
N TRP A 336 5.42 4.13 -1.87
CA TRP A 336 5.25 5.56 -2.07
C TRP A 336 4.75 5.83 -3.50
N VAL A 337 3.64 6.54 -3.63
CA VAL A 337 3.05 6.91 -4.92
C VAL A 337 3.44 8.36 -5.20
N THR A 338 4.04 8.60 -6.38
CA THR A 338 4.40 9.95 -6.81
C THR A 338 3.64 10.31 -8.08
N PRO A 339 2.61 11.18 -8.04
CA PRO A 339 1.95 11.66 -9.25
C PRO A 339 2.93 12.38 -10.19
N LYS A 340 2.71 12.21 -11.50
CA LYS A 340 3.32 13.03 -12.53
C LYS A 340 2.26 13.97 -13.07
N GLY A 341 2.36 15.24 -12.65
CA GLY A 341 1.44 16.26 -13.09
C GLY A 341 0.50 16.67 -11.96
N GLU A 342 -0.49 17.47 -12.32
CA GLU A 342 -1.40 18.03 -11.34
C GLU A 342 -2.69 17.22 -11.38
N TRP A 343 -3.02 16.57 -10.26
CA TRP A 343 -4.18 15.69 -10.22
C TRP A 343 -5.44 16.47 -9.84
N GLY A 344 -5.27 17.79 -9.63
CA GLY A 344 -6.38 18.68 -9.40
C GLY A 344 -6.94 18.51 -7.99
N LYS A 345 -8.25 18.67 -7.85
CA LYS A 345 -8.86 18.70 -6.54
C LYS A 345 -9.43 17.33 -6.19
N GLY A 346 -9.13 16.86 -4.97
CA GLY A 346 -9.69 15.64 -4.43
C GLY A 346 -9.20 15.43 -3.00
N SER A 347 -9.17 14.18 -2.54
CA SER A 347 -8.61 13.85 -1.24
C SER A 347 -7.75 12.59 -1.35
N VAL A 348 -6.59 12.57 -0.66
CA VAL A 348 -5.96 11.33 -0.27
C VAL A 348 -6.79 10.75 0.86
N GLU A 349 -7.36 9.57 0.60
CA GLU A 349 -8.31 8.91 1.47
C GLU A 349 -7.73 7.63 2.04
N LEU A 350 -7.86 7.50 3.38
CA LEU A 350 -7.57 6.30 4.13
C LEU A 350 -8.86 5.62 4.62
N VAL A 351 -8.87 4.30 4.40
CA VAL A 351 -9.90 3.39 4.88
C VAL A 351 -9.26 2.38 5.84
N GLU A 352 -9.82 2.32 7.05
CA GLU A 352 -9.43 1.37 8.08
C GLU A 352 -10.62 0.49 8.45
N ILE A 353 -10.42 -0.82 8.33
CA ILE A 353 -11.47 -1.81 8.51
C ILE A 353 -11.21 -2.64 9.77
N PRO A 354 -12.23 -2.90 10.61
CA PRO A 354 -12.05 -3.79 11.76
C PRO A 354 -11.68 -5.18 11.26
N THR A 355 -10.67 -5.80 11.89
CA THR A 355 -10.31 -7.20 11.66
C THR A 355 -9.84 -7.80 12.97
N ASN A 356 -10.20 -9.07 13.18
CA ASN A 356 -9.68 -9.85 14.29
C ASN A 356 -8.42 -10.60 13.88
N ASP A 357 -8.03 -10.55 12.60
CA ASP A 357 -6.77 -11.22 12.24
C ASP A 357 -6.09 -10.62 11.00
N GLU A 358 -4.84 -11.05 10.78
CA GLU A 358 -3.94 -10.44 9.80
C GLU A 358 -4.27 -10.84 8.37
N THR A 359 -5.10 -11.89 8.15
CA THR A 359 -5.45 -12.35 6.80
C THR A 359 -6.35 -11.35 6.07
N ASN A 360 -7.07 -10.45 6.77
CA ASN A 360 -7.88 -9.44 6.13
C ASN A 360 -7.04 -8.21 5.78
N ASN A 361 -7.19 -7.72 4.55
CA ASN A 361 -6.56 -6.48 4.12
C ASN A 361 -7.41 -5.31 4.60
N ASN A 362 -7.09 -4.79 5.78
CA ASN A 362 -8.01 -3.87 6.43
C ASN A 362 -7.57 -2.41 6.28
N ILE A 363 -6.57 -2.16 5.42
CA ILE A 363 -6.10 -0.81 5.16
C ILE A 363 -6.11 -0.55 3.64
N VAL A 364 -6.75 0.56 3.25
CA VAL A 364 -6.75 1.04 1.87
C VAL A 364 -6.41 2.53 1.84
N ALA A 365 -5.56 2.92 0.86
CA ALA A 365 -5.31 4.31 0.55
C ALA A 365 -5.37 4.56 -0.96
N TYR A 366 -5.91 5.72 -1.32
CA TYR A 366 -5.98 6.14 -2.71
C TYR A 366 -6.16 7.65 -2.84
N TRP A 367 -6.06 8.12 -4.09
CA TRP A 367 -6.53 9.44 -4.49
C TRP A 367 -7.94 9.30 -5.09
N THR A 368 -8.91 10.01 -4.52
CA THR A 368 -10.27 10.03 -5.06
C THR A 368 -10.57 11.42 -5.58
N PRO A 369 -10.69 11.62 -6.91
CA PRO A 369 -11.08 12.91 -7.47
C PRO A 369 -12.39 13.42 -6.89
N ASP A 370 -12.49 14.73 -6.68
CA ASP A 370 -13.74 15.37 -6.30
C ASP A 370 -14.75 15.27 -7.43
N GLN A 371 -14.31 15.52 -8.69
CA GLN A 371 -15.21 15.51 -9.84
C GLN A 371 -14.71 14.55 -10.91
N LEU A 372 -15.61 13.66 -11.36
CA LEU A 372 -15.32 12.72 -12.41
C LEU A 372 -15.95 13.21 -13.71
N PRO A 373 -15.40 12.82 -14.88
CA PRO A 373 -15.99 13.19 -16.17
C PRO A 373 -17.20 12.34 -16.49
N GLU A 374 -17.89 12.67 -17.59
CA GLU A 374 -19.01 11.89 -18.07
C GLU A 374 -18.50 10.54 -18.55
N PRO A 375 -19.31 9.47 -18.50
CA PRO A 375 -18.88 8.19 -19.05
C PRO A 375 -18.44 8.29 -20.51
N GLY A 376 -17.40 7.56 -20.87
CA GLY A 376 -16.82 7.60 -22.21
C GLY A 376 -15.57 8.48 -22.28
N LYS A 377 -15.52 9.55 -21.47
CA LYS A 377 -14.43 10.50 -21.50
C LYS A 377 -13.19 9.92 -20.80
N GLU A 378 -12.03 10.11 -21.44
CA GLU A 378 -10.77 9.51 -21.05
C GLU A 378 -10.13 10.28 -19.90
N MET A 379 -9.69 9.56 -18.86
CA MET A 379 -8.89 10.14 -17.79
C MET A 379 -7.47 9.56 -17.88
N ASN A 380 -6.48 10.47 -17.89
CA ASN A 380 -5.07 10.11 -17.87
C ASN A 380 -4.54 10.30 -16.45
N PHE A 381 -3.92 9.23 -15.91
CA PHE A 381 -3.19 9.27 -14.66
C PHE A 381 -1.82 8.62 -14.86
N LYS A 382 -0.77 9.40 -14.59
CA LYS A 382 0.62 8.96 -14.62
C LYS A 382 1.19 9.10 -13.20
N TYR A 383 1.96 8.08 -12.75
CA TYR A 383 2.55 8.07 -11.41
C TYR A 383 3.62 6.98 -11.29
N THR A 384 4.49 7.09 -10.27
CA THR A 384 5.41 6.02 -9.94
C THR A 384 5.03 5.43 -8.57
N ILE A 385 5.25 4.13 -8.38
CA ILE A 385 5.15 3.49 -7.08
C ILE A 385 6.55 2.99 -6.74
N THR A 386 7.05 3.40 -5.56
CA THR A 386 8.37 3.00 -5.10
C THR A 386 8.16 2.06 -3.92
N PHE A 387 8.68 0.83 -4.06
CA PHE A 387 8.64 -0.15 -3.01
C PHE A 387 10.00 -0.24 -2.33
N SER A 388 10.06 0.18 -1.05
CA SER A 388 11.33 0.46 -0.40
C SER A 388 11.35 0.02 1.07
N ARG A 389 12.57 -0.16 1.61
CA ARG A 389 12.80 -0.30 3.05
C ARG A 389 13.61 0.87 3.59
N ASP A 390 13.67 1.99 2.84
CA ASP A 390 14.42 3.18 3.24
C ASP A 390 13.46 4.35 3.47
N GLU A 391 12.78 4.36 4.63
CA GLU A 391 11.70 5.29 4.85
C GLU A 391 12.25 6.72 4.92
N ASP A 392 13.50 6.87 5.39
CA ASP A 392 14.22 8.13 5.39
C ASP A 392 14.26 8.74 3.98
N LYS A 393 14.49 7.91 2.96
CA LYS A 393 14.53 8.33 1.56
C LYS A 393 13.13 8.64 1.02
N LEU A 394 12.07 8.19 1.71
CA LEU A 394 10.71 8.50 1.32
C LEU A 394 10.23 9.76 2.04
N HIS A 395 11.16 10.66 2.39
CA HIS A 395 10.81 11.84 3.16
C HIS A 395 11.88 12.92 2.97
N ALA A 396 11.45 14.17 2.96
CA ALA A 396 12.37 15.28 2.74
C ALA A 396 13.38 15.31 3.88
N PRO A 397 14.70 15.46 3.62
CA PRO A 397 15.71 15.45 4.69
C PRO A 397 15.64 16.58 5.70
N ASP A 398 14.88 17.64 5.41
CA ASP A 398 14.82 18.83 6.26
C ASP A 398 13.53 18.84 7.07
N ASN A 399 12.86 17.70 7.16
CA ASN A 399 11.54 17.60 7.77
C ASN A 399 11.55 16.34 8.64
N ALA A 400 11.39 16.47 9.96
CA ALA A 400 11.49 15.30 10.82
C ALA A 400 10.21 14.47 10.73
N TRP A 401 10.34 13.17 11.05
CA TRP A 401 9.21 12.25 10.94
C TRP A 401 9.13 11.29 12.12
N VAL A 402 7.90 10.78 12.34
CA VAL A 402 7.55 9.95 13.47
C VAL A 402 8.08 8.54 13.22
N GLN A 403 9.07 8.16 14.05
CA GLN A 403 9.62 6.81 14.12
C GLN A 403 8.60 5.84 14.73
N GLN A 404 7.85 6.30 15.74
CA GLN A 404 6.91 5.42 16.44
C GLN A 404 5.97 6.26 17.29
N THR A 405 4.77 5.69 17.53
CA THR A 405 3.74 6.22 18.39
C THR A 405 3.41 5.14 19.42
N ARG A 406 3.79 5.39 20.68
CA ARG A 406 3.55 4.45 21.77
C ARG A 406 2.39 4.97 22.64
N ARG A 407 1.33 4.19 22.78
CA ARG A 407 0.23 4.59 23.66
C ARG A 407 0.57 4.17 25.10
N SER A 408 0.05 4.90 26.07
CA SER A 408 0.41 4.61 27.47
C SER A 408 -0.69 5.15 28.37
N THR A 409 -0.81 4.56 29.56
CA THR A 409 -1.66 5.08 30.62
C THR A 409 -1.06 6.40 31.07
N GLY A 410 -1.84 7.48 30.97
CA GLY A 410 -1.38 8.79 31.43
C GLY A 410 -1.20 8.78 32.94
N ASP A 411 -0.08 9.34 33.43
CA ASP A 411 0.15 9.37 34.87
C ASP A 411 0.90 10.63 35.30
N VAL A 412 0.97 10.80 36.62
CA VAL A 412 1.73 11.85 37.30
C VAL A 412 2.59 11.13 38.34
N LYS A 413 3.91 11.35 38.26
CA LYS A 413 4.83 10.82 39.25
C LYS A 413 4.65 11.62 40.54
N GLN A 414 4.43 10.89 41.64
CA GLN A 414 4.25 11.46 42.97
C GLN A 414 5.61 11.71 43.61
N SER A 415 5.60 12.56 44.64
CA SER A 415 6.73 12.82 45.52
C SER A 415 7.44 11.52 45.94
N ASN A 416 6.69 10.43 46.12
CA ASN A 416 7.29 9.14 46.48
C ASN A 416 7.68 8.28 45.29
N LEU A 417 7.72 8.85 44.06
CA LEU A 417 8.13 8.19 42.82
C LEU A 417 7.10 7.20 42.26
N ILE A 418 5.96 6.98 42.94
CA ILE A 418 4.89 6.19 42.36
C ILE A 418 4.19 6.99 41.25
N ARG A 419 4.06 6.36 40.08
CA ARG A 419 3.35 6.91 38.93
C ARG A 419 1.84 6.72 39.11
N GLN A 420 1.11 7.80 39.37
CA GLN A 420 -0.32 7.72 39.67
C GLN A 420 -1.14 8.00 38.40
N PRO A 421 -1.94 7.03 37.89
CA PRO A 421 -2.83 7.30 36.76
C PRO A 421 -3.83 8.41 37.11
N ASP A 422 -4.11 9.28 36.13
CA ASP A 422 -4.99 10.43 36.32
C ASP A 422 -6.19 10.40 35.36
N GLY A 423 -6.33 9.35 34.55
CA GLY A 423 -7.49 9.15 33.69
C GLY A 423 -7.26 9.60 32.25
N THR A 424 -6.05 10.12 31.97
CA THR A 424 -5.68 10.57 30.64
C THR A 424 -5.09 9.41 29.85
N ILE A 425 -5.09 9.56 28.52
CA ILE A 425 -4.32 8.69 27.66
C ILE A 425 -3.09 9.46 27.18
N ALA A 426 -1.95 8.77 27.18
CA ALA A 426 -0.68 9.38 26.79
C ALA A 426 -0.19 8.77 25.48
N PHE A 427 0.40 9.62 24.63
CA PHE A 427 1.02 9.21 23.39
C PHE A 427 2.45 9.71 23.41
N VAL A 428 3.38 8.76 23.28
CA VAL A 428 4.79 9.03 23.17
C VAL A 428 5.13 8.92 21.68
N VAL A 429 5.55 10.04 21.09
CA VAL A 429 5.70 10.22 19.65
C VAL A 429 7.14 10.67 19.42
N ASP A 430 7.96 9.74 18.93
CA ASP A 430 9.37 9.99 18.70
C ASP A 430 9.53 10.41 17.24
N PHE A 431 10.21 11.56 17.10
CA PHE A 431 10.60 12.13 15.82
C PHE A 431 12.09 11.87 15.58
N THR A 432 12.45 11.71 14.31
CA THR A 432 13.81 11.47 13.86
C THR A 432 13.88 12.07 12.46
N GLY A 433 15.05 12.07 11.84
CA GLY A 433 15.25 12.75 10.58
C GLY A 433 16.74 12.93 10.27
N ALA A 434 17.09 12.92 8.99
CA ALA A 434 18.47 13.09 8.56
C ALA A 434 19.01 14.42 9.08
N GLU A 435 18.17 15.46 9.15
CA GLU A 435 18.65 16.74 9.65
C GLU A 435 18.41 16.88 11.15
N MET A 436 17.39 16.19 11.70
CA MET A 436 17.07 16.32 13.11
C MET A 436 18.13 15.63 13.96
N LYS A 437 18.61 14.47 13.49
CA LYS A 437 19.65 13.69 14.13
C LYS A 437 20.96 14.47 14.24
N LYS A 438 21.05 15.60 13.52
CA LYS A 438 22.23 16.45 13.47
C LYS A 438 22.17 17.62 14.45
N LEU A 439 20.96 18.03 14.85
CA LEU A 439 20.76 19.26 15.62
C LEU A 439 21.40 19.14 16.99
N PRO A 440 22.02 20.21 17.53
CA PRO A 440 22.51 20.22 18.91
C PRO A 440 21.39 19.84 19.87
N GLU A 441 21.75 19.07 20.91
CA GLU A 441 20.83 18.64 21.95
C GLU A 441 20.07 19.82 22.55
N ASP A 442 20.73 20.98 22.66
CA ASP A 442 20.16 22.13 23.36
C ASP A 442 19.20 22.91 22.48
N THR A 443 19.02 22.50 21.21
CA THR A 443 18.05 23.12 20.30
C THR A 443 16.70 23.27 21.01
N PRO A 444 16.08 24.47 21.02
CA PRO A 444 14.83 24.70 21.75
C PRO A 444 13.57 24.26 21.01
N VAL A 445 13.29 22.95 21.02
CA VAL A 445 12.21 22.39 20.23
C VAL A 445 10.93 22.37 21.07
N THR A 446 9.84 22.87 20.48
CA THR A 446 8.52 22.88 21.10
C THR A 446 7.52 22.17 20.18
N ALA A 447 6.28 21.98 20.67
CA ALA A 447 5.23 21.32 19.91
C ALA A 447 4.01 22.21 19.73
N GLN A 448 3.60 22.39 18.47
CA GLN A 448 2.32 23.00 18.12
C GLN A 448 1.29 21.88 17.93
N THR A 449 0.26 21.86 18.78
CA THR A 449 -0.69 20.76 18.85
C THR A 449 -2.12 21.30 18.73
N SER A 450 -3.09 20.39 18.60
CA SER A 450 -4.51 20.73 18.59
C SER A 450 -5.32 19.46 18.83
N ILE A 451 -6.57 19.61 19.27
CA ILE A 451 -7.47 18.47 19.48
C ILE A 451 -8.92 18.88 19.19
N GLY A 452 -9.71 17.95 18.66
CA GLY A 452 -11.14 18.14 18.49
C GLY A 452 -11.87 18.32 19.81
N ASP A 453 -13.19 18.51 19.75
CA ASP A 453 -13.97 18.93 20.91
C ASP A 453 -14.18 17.79 21.91
N ASN A 454 -14.04 16.54 21.45
CA ASN A 454 -14.29 15.40 22.32
C ASN A 454 -13.07 15.15 23.21
N GLY A 455 -12.05 15.99 23.08
CA GLY A 455 -10.82 15.77 23.83
C GLY A 455 -10.20 17.05 24.36
N GLU A 456 -9.31 16.86 25.35
CA GLU A 456 -8.61 17.94 26.02
C GLU A 456 -7.15 17.51 26.21
N ILE A 457 -6.23 18.37 25.76
CA ILE A 457 -4.80 18.17 25.96
C ILE A 457 -4.42 18.63 27.37
N VAL A 458 -3.97 17.70 28.21
CA VAL A 458 -3.54 18.01 29.58
C VAL A 458 -2.04 18.29 29.60
N GLU A 459 -1.24 17.54 28.83
CA GLU A 459 0.21 17.71 28.80
C GLU A 459 0.69 17.60 27.35
N SER A 460 1.63 18.48 26.97
CA SER A 460 2.26 18.46 25.67
C SER A 460 3.74 18.82 25.79
N THR A 461 4.57 17.82 26.12
CA THR A 461 5.97 17.97 26.49
C THR A 461 6.90 17.47 25.38
N VAL A 462 8.00 18.23 25.12
CA VAL A 462 9.03 17.83 24.16
C VAL A 462 10.37 17.75 24.88
N ARG A 463 11.07 16.62 24.74
CA ARG A 463 12.40 16.43 25.31
C ARG A 463 13.32 15.77 24.29
N TYR A 464 14.62 16.00 24.43
CA TYR A 464 15.63 15.39 23.56
C TYR A 464 15.81 13.91 23.89
N ASN A 465 15.91 13.08 22.87
CA ASN A 465 16.13 11.66 23.07
C ASN A 465 17.59 11.35 22.72
N PRO A 466 18.49 11.22 23.72
CA PRO A 466 19.91 10.99 23.43
C PRO A 466 20.26 9.62 22.86
N VAL A 467 19.33 8.66 22.93
CA VAL A 467 19.56 7.36 22.32
C VAL A 467 19.34 7.47 20.80
N THR A 468 18.31 8.20 20.37
CA THR A 468 17.92 8.29 18.97
C THR A 468 18.52 9.52 18.27
N LYS A 469 19.02 10.49 19.05
CA LYS A 469 19.44 11.81 18.57
C LYS A 469 18.23 12.58 18.02
N GLY A 470 17.04 12.13 18.38
CA GLY A 470 15.80 12.76 17.94
C GLY A 470 15.15 13.51 19.09
N TRP A 471 13.87 13.88 18.90
CA TRP A 471 13.07 14.49 19.95
C TRP A 471 11.80 13.68 20.18
N ARG A 472 11.42 13.57 21.46
CA ARG A 472 10.23 12.87 21.89
C ARG A 472 9.15 13.84 22.35
N LEU A 473 7.93 13.67 21.81
CA LEU A 473 6.75 14.35 22.30
C LEU A 473 5.92 13.41 23.18
N VAL A 474 5.50 13.91 24.35
CA VAL A 474 4.53 13.23 25.20
C VAL A 474 3.28 14.09 25.23
N MET A 475 2.17 13.55 24.72
CA MET A 475 0.87 14.21 24.74
C MET A 475 -0.08 13.40 25.62
N ARG A 476 -0.68 14.05 26.62
CA ARG A 476 -1.64 13.37 27.47
C ARG A 476 -2.98 14.04 27.25
N VAL A 477 -4.01 13.23 27.05
CA VAL A 477 -5.29 13.80 26.65
C VAL A 477 -6.39 13.17 27.49
N LYS A 478 -7.44 13.96 27.77
CA LYS A 478 -8.63 13.39 28.36
C LYS A 478 -9.63 13.26 27.22
N VAL A 479 -10.28 12.09 27.13
CA VAL A 479 -11.38 11.87 26.21
C VAL A 479 -12.64 12.18 27.00
N LYS A 480 -13.49 13.04 26.44
CA LYS A 480 -14.72 13.41 27.13
C LYS A 480 -15.74 12.29 26.92
N ASP A 481 -15.97 11.89 25.67
CA ASP A 481 -16.81 10.74 25.40
C ASP A 481 -16.05 9.68 24.60
N ALA A 482 -15.73 8.55 25.28
CA ALA A 482 -15.13 7.36 24.72
C ALA A 482 -15.92 6.76 23.55
N LYS A 483 -17.20 7.14 23.38
CA LYS A 483 -18.09 6.63 22.35
C LYS A 483 -18.03 7.48 21.08
N LYS A 484 -17.20 8.55 21.09
CA LYS A 484 -16.98 9.39 19.92
C LYS A 484 -15.53 9.23 19.50
N THR A 485 -15.23 9.59 18.25
CA THR A 485 -13.87 9.69 17.73
C THR A 485 -13.21 10.95 18.28
N THR A 486 -11.90 10.90 18.51
CA THR A 486 -11.11 12.06 18.90
C THR A 486 -9.94 12.19 17.94
N GLU A 487 -9.76 13.40 17.37
CA GLU A 487 -8.68 13.66 16.43
C GLU A 487 -7.74 14.69 17.05
N MET A 488 -6.44 14.49 16.81
CA MET A 488 -5.44 15.41 17.30
C MET A 488 -4.31 15.52 16.28
N ARG A 489 -3.60 16.64 16.36
CA ARG A 489 -2.51 17.01 15.47
C ARG A 489 -1.35 17.53 16.31
N ALA A 490 -0.10 17.29 15.85
CA ALA A 490 1.07 17.83 16.51
C ALA A 490 2.25 17.91 15.53
N ALA A 491 3.03 18.97 15.68
CA ALA A 491 4.24 19.16 14.90
C ALA A 491 5.31 19.80 15.78
N LEU A 492 6.57 19.51 15.51
CA LEU A 492 7.67 20.12 16.23
C LEU A 492 8.12 21.36 15.47
N VAL A 493 8.30 22.47 16.20
CA VAL A 493 8.71 23.76 15.63
C VAL A 493 9.89 24.30 16.45
N ASN A 494 10.78 25.06 15.80
CA ASN A 494 11.78 25.87 16.50
C ASN A 494 11.12 27.22 16.79
N ALA A 495 10.78 27.94 15.71
CA ALA A 495 10.07 29.21 15.77
C ALA A 495 10.06 29.83 14.37
N THR A 498 8.69 25.20 11.11
CA THR A 498 8.28 23.78 11.31
C THR A 498 9.54 22.94 11.10
N LEU A 499 9.80 22.02 12.04
CA LEU A 499 10.90 21.07 11.96
C LEU A 499 10.42 19.68 11.52
N SER A 500 9.15 19.35 11.80
CA SER A 500 8.65 17.98 11.63
C SER A 500 7.41 17.96 10.72
N GLU A 501 7.07 16.77 10.21
CA GLU A 501 5.76 16.51 9.63
C GLU A 501 4.68 16.67 10.70
N THR A 502 3.42 16.74 10.28
CA THR A 502 2.32 16.76 11.22
C THR A 502 1.89 15.32 11.55
N TRP A 503 2.07 14.92 12.81
CA TRP A 503 1.43 13.75 13.39
C TRP A 503 -0.07 14.01 13.46
N SER A 504 -0.84 13.30 12.64
CA SER A 504 -2.29 13.47 12.59
C SER A 504 -2.91 12.19 13.09
N TYR A 505 -3.33 12.20 14.36
CA TYR A 505 -3.69 10.96 15.04
C TYR A 505 -5.19 10.99 15.22
N GLN A 506 -5.79 9.82 15.08
CA GLN A 506 -7.20 9.65 15.38
C GLN A 506 -7.33 8.56 16.42
N LEU A 507 -8.13 8.84 17.46
CA LEU A 507 -8.42 7.88 18.51
C LEU A 507 -9.84 7.38 18.26
N PRO A 508 -9.99 6.18 17.67
CA PRO A 508 -11.29 5.62 17.31
C PRO A 508 -12.28 5.55 18.46
N ALA A 509 -13.53 5.92 18.20
CA ALA A 509 -14.64 5.61 19.10
C ALA A 509 -14.55 4.16 19.56
N ASN A 510 -14.87 3.94 20.85
CA ASN A 510 -14.88 2.64 21.51
C ASN A 510 -13.47 2.04 21.67
N GLU A 511 -12.45 2.91 21.82
CA GLU A 511 -11.08 2.49 22.08
C GLU A 511 -10.80 2.47 23.60
C2 BGC B . -14.85 -8.51 5.40
C3 BGC B . -14.69 -9.90 4.74
C4 BGC B . -14.26 -10.93 5.76
C5 BGC B . -15.27 -10.89 6.88
C6 BGC B . -15.10 -12.02 7.87
C1 BGC B . -15.55 -8.55 6.80
O1 BGC B . -15.34 -7.40 7.56
O2 BGC B . -15.62 -7.71 4.51
O3 BGC B . -13.79 -9.88 3.63
O4 BGC B . -14.24 -12.26 5.23
O5 BGC B . -15.09 -9.66 7.57
O6 BGC B . -14.12 -11.71 8.83
C2 BGC B . -14.95 -6.19 2.75
C3 BGC B . -14.47 -4.76 2.48
C4 BGC B . -15.32 -3.75 3.27
C5 BGC B . -15.32 -4.10 4.71
C6 BGC B . -16.19 -3.18 5.55
C1 BGC B . -15.05 -6.43 4.25
O2 BGC B . -14.06 -7.16 2.20
O3 BGC B . -14.56 -4.48 1.10
O4 BGC B . -14.79 -2.41 3.10
O5 BGC B . -15.90 -5.42 4.83
O6 BGC B . -17.50 -3.67 5.51
C2 BGC B . -13.38 -8.38 0.23
C3 BGC B . -13.88 -9.35 -0.84
C4 BGC B . -14.67 -10.46 -0.17
C5 BGC B . -15.85 -9.88 0.60
C6 BGC B . -16.65 -10.97 1.31
C1 BGC B . -14.58 -7.89 1.09
O2 BGC B . -12.77 -7.25 -0.39
O3 BGC B . -12.85 -9.91 -1.67
O4 BGC B . -15.18 -11.37 -1.12
O5 BGC B . -15.36 -8.98 1.59
O6 BGC B . -17.85 -10.38 1.80
C2 BGC B . -10.38 -6.96 -0.35
C3 BGC B . -9.28 -6.24 0.35
C4 BGC B . -9.66 -4.78 0.48
C5 BGC B . -11.06 -4.58 1.14
C6 BGC B . -11.39 -3.11 1.14
C1 BGC B . -11.77 -6.67 0.33
O2 BGC B . -10.16 -8.38 -0.39
O3 BGC B . -8.04 -6.25 -0.39
O4 BGC B . -8.70 -4.02 1.23
O5 BGC B . -12.04 -5.25 0.32
O6 BGC B . -11.24 -2.50 -0.15
C2 BGC B . -8.96 -10.12 -1.65
C3 BGC B . -8.33 -10.37 -3.00
C4 BGC B . -9.37 -10.25 -4.11
C5 BGC B . -10.13 -8.92 -3.99
C6 BGC B . -11.29 -8.79 -4.92
C1 BGC B . -9.61 -8.76 -1.67
O2 BGC B . -7.97 -10.16 -0.64
O3 BGC B . -7.73 -11.67 -2.91
O4 BGC B . -8.77 -10.23 -5.38
O5 BGC B . -10.62 -8.76 -2.67
O6 BGC B . -12.18 -9.88 -4.70
C2 BGC B . -6.78 -11.48 1.02
C3 BGC B . -7.02 -12.69 1.92
C4 BGC B . -8.34 -12.54 2.71
C5 BGC B . -9.49 -12.35 1.79
C6 BGC B . -10.78 -12.09 2.56
C1 BGC B . -8.03 -11.31 0.17
O2 BGC B . -5.61 -11.78 0.26
O3 BGC B . -5.96 -12.97 2.84
O4 BGC B . -8.58 -13.79 3.33
O5 BGC B . -9.23 -11.20 0.98
O6 BGC B . -11.73 -11.42 1.72
C2 BGC B . -3.55 -10.55 0.01
C3 BGC B . -2.80 -9.53 -0.91
C4 BGC B . -3.09 -9.74 -2.38
C5 BGC B . -4.56 -9.88 -2.65
C6 BGC B . -4.93 -10.30 -4.07
C1 BGC B . -4.98 -10.63 -0.38
O2 BGC B . -3.40 -10.25 1.40
O3 BGC B . -1.41 -9.63 -0.60
O4 BGC B . -2.63 -8.62 -3.15
O5 BGC B . -5.14 -10.89 -1.77
O6 BGC B . -4.32 -11.52 -4.52
C2 BGC B . -1.46 -11.83 1.97
C3 BGC B . -0.65 -11.57 3.20
C4 BGC B . -0.91 -10.19 3.70
C5 BGC B . -2.30 -10.23 4.36
C6 BGC B . -2.88 -8.81 4.47
C1 BGC B . -2.92 -11.36 2.20
O2 BGC B . -1.36 -13.22 1.67
O3 BGC B . 0.74 -11.67 2.86
O4 BGC B . -0.03 -9.78 4.74
O5 BGC B . -3.21 -11.02 3.58
O6 BGC B . -4.17 -8.87 5.11
C2 BGC B . -0.68 -14.73 0.00
C3 BGC B . -0.84 -15.14 -1.44
C4 BGC B . -2.27 -15.51 -1.71
C5 BGC B . -3.26 -14.41 -1.20
C6 BGC B . -4.67 -14.96 -1.20
C1 BGC B . -1.63 -13.56 0.32
O2 BGC B . 0.68 -14.39 0.28
O3 BGC B . 0.07 -16.24 -1.75
O4 BGC B . -2.52 -15.55 -3.09
O5 BGC B . -2.94 -14.09 0.15
O6 BGC B . -4.63 -15.89 -0.17
C2 BGC B . 2.80 -15.35 1.03
C3 BGC B . 3.47 -16.10 2.12
C4 BGC B . 3.20 -15.45 3.45
C5 BGC B . 1.70 -15.30 3.64
C6 BGC B . 1.35 -14.62 4.95
C1 BGC B . 1.31 -15.13 1.31
O2 BGC B . 2.94 -16.09 -0.19
O3 BGC B . 4.88 -16.13 1.91
O4 BGC B . 3.69 -16.25 4.49
O5 BGC B . 1.17 -14.50 2.57
O6 BGC B . 1.94 -13.33 5.03
C2 BGC B . 4.53 -16.41 -2.02
C3 BGC B . 4.83 -16.09 -3.47
C4 BGC B . 3.58 -15.71 -4.23
C5 BGC B . 2.89 -14.56 -3.44
C6 BGC B . 1.69 -14.04 -4.14
C1 BGC B . 3.57 -15.40 -1.30
O2 BGC B . 5.76 -16.49 -1.31
O3 BGC B . 5.50 -17.20 -4.14
O4 BGC B . 3.90 -15.27 -5.54
O5 BGC B . 2.49 -15.10 -2.17
O6 BGC B . 1.07 -12.87 -3.42
C2 BGC B . 7.56 -17.86 -0.76
C3 BGC B . 8.04 -19.24 -0.38
C4 BGC B . 7.29 -19.72 0.82
C5 BGC B . 5.81 -19.66 0.59
C6 BGC B . 5.04 -20.01 1.83
C1 BGC B . 6.09 -17.84 -0.96
O2 BGC B . 8.17 -17.43 -1.96
O3 BGC B . 9.40 -19.20 -0.02
O4 BGC B . 7.64 -21.07 1.09
O5 BGC B . 5.43 -18.31 0.22
O6 BGC B . 3.70 -20.27 1.44
C2 BGC B . 10.09 -16.70 -3.04
C3 BGC B . 11.22 -15.68 -3.05
C4 BGC B . 10.77 -14.27 -2.66
C5 BGC B . 9.93 -14.26 -1.47
C6 BGC B . 9.34 -12.88 -1.21
C1 BGC B . 9.24 -16.52 -1.82
O2 BGC B . 10.48 -18.09 -3.10
O3 BGC B . 11.73 -15.46 -4.37
O4 BGC B . 11.91 -13.45 -2.47
O5 BGC B . 8.85 -15.15 -1.78
O6 BGC B . 8.57 -12.85 -0.01
C2 BGC B . 11.69 -19.83 -4.25
C3 BGC B . 12.20 -20.37 -5.60
C4 BGC B . 11.14 -20.26 -6.70
C5 BGC B . 10.51 -18.84 -6.68
C6 BGC B . 9.27 -18.68 -7.53
C1 BGC B . 11.07 -18.44 -4.37
O2 BGC B . 12.85 -19.77 -3.42
O3 BGC B . 12.59 -21.73 -5.37
O4 BGC B . 11.82 -20.51 -7.96
O5 BGC B . 10.06 -18.49 -5.35
O6 BGC B . 8.19 -19.42 -6.97
C2 BGC B . 13.49 -20.82 -1.32
C3 BGC B . 13.60 -20.64 0.18
C4 BGC B . 14.02 -19.22 0.56
C5 BGC B . 13.14 -18.22 -0.17
C6 BGC B . 13.55 -16.79 0.09
C1 BGC B . 12.70 -19.69 -2.00
O2 BGC B . 12.88 -22.08 -1.62
O3 BGC B . 14.55 -21.57 0.70
O4 BGC B . 13.86 -19.06 1.98
O5 BGC B . 13.24 -18.44 -1.59
O6 BGC B . 14.82 -16.52 -0.50
C2 BGC B . 13.31 -24.26 -2.56
C3 BGC B . 14.41 -25.19 -3.08
C4 BGC B . 15.21 -24.51 -4.18
C5 BGC B . 15.75 -23.15 -3.72
C6 BGC B . 16.42 -22.38 -4.82
C1 BGC B . 13.91 -22.94 -2.14
O2 BGC B . 12.57 -24.87 -1.49
O3 BGC B . 13.83 -26.39 -3.57
O4 BGC B . 16.32 -25.32 -4.57
O5 BGC B . 14.64 -22.34 -3.22
O6 BGC B . 15.72 -22.55 -6.05
#